data_9HL2
#
_entry.id   9HL2
#
_cell.length_a   74.372
_cell.length_b   74.372
_cell.length_c   216.330
_cell.angle_alpha   90.000
_cell.angle_beta   90.000
_cell.angle_gamma   90.000
#
_symmetry.space_group_name_H-M   'P 41 21 2'
#
loop_
_entity.id
_entity.type
_entity.pdbx_description
1 polymer 'Superinfection exclusion protein'
2 polymer 'Protein OPG185'
3 branched 2-acetamido-2-deoxy-beta-D-glucopyranose-(1-3)-2-acetamido-2-deoxy-beta-D-glucopyranose
4 branched 2-acetamido-2-deoxy-beta-D-glucopyranose-(1-4)-2-acetamido-2-deoxy-beta-D-glucopyranose
5 non-polymer DI(HYDROXYETHYL)ETHER
6 water water
#
loop_
_entity_poly.entity_id
_entity_poly.type
_entity_poly.pdbx_seq_one_letter_code
_entity_poly.pdbx_strand_id
1 'polypeptide(L)'
;YRLQGFTNAGIVAYKNIQDDNIVFSPFGYSFSMFMSLLPASGNTRIELLKTMDLRKRDLGPAFTELISGLAKLKTSKYTY
TDLTYQSFVDNTVSIKPSYYQQYHRFGLYRLNFRRDAVNKINSIVERRSGMSNVVDSNMLDNNTLWAIINTIYFKGIWQY
PFDITKTRNASFTNKYGTKTVPMMNVVTKLQGNTITIDDEEYDMVRLPYKDANISMYLAIGDNMTHFTDSITAAKLDYWS
FQLGNKVYNLKLPKFSIENKRDIKSIAEMMAPSMFNPDNASFKHMTRDPLYIYKMFQNAKIDVDEQGTVAEASTIMVATA
RSSPEKLEFNTPFVFIIRHDITGFILFMGKVESPGSGLVPRGSGSAGWSHPQFEKGGGSGGGSGGGSWSHPQFEKGTGGL
NDIFEAQKIEWHE
;
A
2 'polypeptide(L)'
;RSTPFPQTSKKIGDDATLSCNRNNTNDYVVMSAWYKEPNSIILLAAKSDVLYFDNYTKDKISYDSPYDDLVTTITIKSLT
ARDAGTYVCAFFMTSTTNDTDKVDYEEYSTELIVNTDSEGSGLVPRGSGSGHHHHHHHH
;
B
#
# COMPACT_ATOMS: atom_id res chain seq x y z
N TYR A 1 7.38 -15.26 9.37
CA TYR A 1 6.15 -14.54 9.06
C TYR A 1 6.42 -13.06 8.82
N ARG A 2 7.66 -12.74 8.50
CA ARG A 2 8.05 -11.36 8.23
C ARG A 2 7.54 -10.90 6.87
N LEU A 3 7.57 -9.58 6.66
CA LEU A 3 7.19 -8.98 5.39
C LEU A 3 8.41 -8.71 4.50
N GLN A 4 9.50 -9.45 4.70
CA GLN A 4 10.68 -9.29 3.86
C GLN A 4 10.36 -9.60 2.40
N GLY A 5 9.73 -10.76 2.16
CA GLY A 5 9.30 -11.09 0.81
C GLY A 5 8.28 -10.11 0.26
N PHE A 6 7.41 -9.58 1.11
CA PHE A 6 6.44 -8.58 0.68
C PHE A 6 7.13 -7.38 0.06
N THR A 7 8.10 -6.80 0.78
CA THR A 7 8.82 -5.64 0.25
C THR A 7 9.70 -6.02 -0.94
N ASN A 8 10.34 -7.19 -0.87
CA ASN A 8 11.22 -7.62 -1.95
C ASN A 8 10.46 -7.85 -3.24
N ALA A 9 9.16 -8.17 -3.15
CA ALA A 9 8.34 -8.30 -4.35
C ALA A 9 8.34 -7.00 -5.15
N GLY A 10 7.98 -5.89 -4.48
CA GLY A 10 8.03 -4.59 -5.13
C GLY A 10 9.43 -4.18 -5.51
N ILE A 11 10.45 -4.59 -4.73
CA ILE A 11 11.82 -4.25 -5.07
C ILE A 11 12.21 -4.91 -6.40
N VAL A 12 11.88 -6.19 -6.57
CA VAL A 12 12.17 -6.88 -7.82
C VAL A 12 11.34 -6.30 -8.97
N ALA A 13 10.07 -5.96 -8.68
CA ALA A 13 9.24 -5.32 -9.69
C ALA A 13 9.88 -4.04 -10.21
N TYR A 14 10.45 -3.23 -9.31
CA TYR A 14 11.19 -2.06 -9.75
C TYR A 14 12.44 -2.45 -10.52
N LYS A 15 13.17 -3.47 -10.04
CA LYS A 15 14.40 -3.88 -10.69
C LYS A 15 14.17 -4.39 -12.11
N ASN A 16 12.93 -4.76 -12.45
CA ASN A 16 12.63 -5.23 -13.79
C ASN A 16 12.11 -4.14 -14.72
N ILE A 17 12.08 -2.88 -14.27
CA ILE A 17 11.61 -1.79 -15.12
C ILE A 17 12.78 -1.34 -15.98
N GLN A 18 12.77 -1.72 -17.26
CA GLN A 18 13.85 -1.41 -18.19
C GLN A 18 13.68 0.01 -18.69
N ASP A 19 14.03 0.96 -17.83
CA ASP A 19 13.95 2.38 -18.16
C ASP A 19 14.79 3.15 -17.16
N ASP A 20 14.87 4.47 -17.35
CA ASP A 20 15.53 5.36 -16.41
C ASP A 20 14.65 6.48 -15.88
N ASN A 21 13.61 6.88 -16.60
CA ASN A 21 12.64 7.86 -16.10
C ASN A 21 11.54 7.12 -15.37
N ILE A 22 11.90 6.58 -14.21
CA ILE A 22 11.06 5.66 -13.45
C ILE A 22 10.52 6.36 -12.23
N VAL A 23 9.22 6.16 -11.97
CA VAL A 23 8.58 6.47 -10.69
C VAL A 23 7.59 5.34 -10.40
N PHE A 24 7.83 4.61 -9.33
CA PHE A 24 7.16 3.35 -9.07
C PHE A 24 6.81 3.26 -7.59
N SER A 25 5.76 2.50 -7.28
CA SER A 25 5.32 2.28 -5.91
C SER A 25 5.48 0.80 -5.58
N PRO A 26 6.64 0.38 -5.08
CA PRO A 26 6.79 -1.02 -4.68
C PRO A 26 5.74 -1.47 -3.67
N PHE A 27 5.30 -0.58 -2.79
CA PHE A 27 4.28 -0.97 -1.82
C PHE A 27 2.95 -1.23 -2.50
N GLY A 28 2.60 -0.45 -3.53
CA GLY A 28 1.34 -0.68 -4.23
C GLY A 28 1.32 -2.04 -4.92
N TYR A 29 2.38 -2.34 -5.66
CA TYR A 29 2.49 -3.64 -6.32
C TYR A 29 2.48 -4.78 -5.30
N SER A 30 3.28 -4.65 -4.24
CA SER A 30 3.32 -5.70 -3.22
C SER A 30 1.96 -5.88 -2.57
N PHE A 31 1.25 -4.78 -2.31
CA PHE A 31 -0.05 -4.86 -1.66
C PHE A 31 -1.07 -5.53 -2.55
N SER A 32 -1.05 -5.21 -3.85
CA SER A 32 -1.94 -5.89 -4.78
C SER A 32 -1.65 -7.39 -4.82
N MET A 33 -0.38 -7.76 -4.99
CA MET A 33 -0.02 -9.18 -5.05
C MET A 33 -0.35 -9.90 -3.75
N PHE A 34 -0.27 -9.20 -2.61
CA PHE A 34 -0.55 -9.84 -1.33
C PHE A 34 -2.05 -9.99 -1.10
N MET A 35 -2.84 -8.97 -1.43
CA MET A 35 -4.29 -9.08 -1.36
C MET A 35 -4.82 -10.12 -2.33
N SER A 36 -4.09 -10.41 -3.40
CA SER A 36 -4.49 -11.49 -4.30
C SER A 36 -4.51 -12.85 -3.61
N LEU A 37 -3.88 -12.97 -2.44
CA LEU A 37 -3.83 -14.25 -1.75
C LEU A 37 -5.17 -14.65 -1.14
N LEU A 38 -6.06 -13.69 -0.85
CA LEU A 38 -7.35 -14.03 -0.27
C LEU A 38 -8.22 -14.86 -1.22
N PRO A 39 -8.42 -14.48 -2.49
CA PRO A 39 -9.22 -15.34 -3.37
C PRO A 39 -8.42 -16.49 -3.96
N ALA A 40 -7.11 -16.33 -4.07
CA ALA A 40 -6.28 -17.34 -4.73
C ALA A 40 -6.35 -18.67 -4.00
N SER A 41 -6.10 -19.74 -4.76
CA SER A 41 -6.11 -21.08 -4.22
C SER A 41 -5.24 -21.98 -5.08
N GLY A 42 -4.82 -23.10 -4.52
CA GLY A 42 -4.07 -24.08 -5.28
C GLY A 42 -2.76 -23.53 -5.81
N ASN A 43 -2.56 -23.67 -7.12
CA ASN A 43 -1.29 -23.28 -7.73
C ASN A 43 -1.05 -21.77 -7.64
N THR A 44 -2.10 -20.97 -7.83
CA THR A 44 -1.95 -19.53 -7.72
C THR A 44 -1.54 -19.14 -6.31
N ARG A 45 -2.20 -19.72 -5.31
CA ARG A 45 -1.85 -19.45 -3.92
C ARG A 45 -0.42 -19.87 -3.62
N ILE A 46 0.01 -21.01 -4.17
CA ILE A 46 1.36 -21.50 -3.91
C ILE A 46 2.39 -20.57 -4.55
N GLU A 47 2.13 -20.11 -5.78
CA GLU A 47 3.04 -19.17 -6.42
C GLU A 47 3.13 -17.87 -5.62
N LEU A 48 1.99 -17.37 -5.15
CA LEU A 48 2.01 -16.13 -4.37
C LEU A 48 2.76 -16.31 -3.06
N LEU A 49 2.59 -17.45 -2.40
CA LEU A 49 3.33 -17.73 -1.18
C LEU A 49 4.83 -17.82 -1.47
N LYS A 50 5.19 -18.37 -2.63
CA LYS A 50 6.61 -18.47 -2.99
C LYS A 50 7.21 -17.09 -3.21
N THR A 51 6.51 -16.22 -3.96
CA THR A 51 7.06 -14.90 -4.23
C THR A 51 7.18 -14.07 -2.96
N MET A 52 6.21 -14.19 -2.06
CA MET A 52 6.30 -13.53 -0.76
C MET A 52 7.25 -14.22 0.20
N ASP A 53 7.83 -15.36 -0.21
CA ASP A 53 8.74 -16.14 0.64
C ASP A 53 8.07 -16.52 1.96
N LEU A 54 6.80 -16.93 1.88
CA LEU A 54 6.01 -17.31 3.04
C LEU A 54 5.47 -18.72 2.85
N ARG A 55 5.20 -19.38 3.98
CA ARG A 55 4.56 -20.69 3.98
C ARG A 55 3.09 -20.54 4.36
N LYS A 56 2.37 -21.67 4.27
CA LYS A 56 0.96 -21.66 4.67
C LYS A 56 0.81 -21.38 6.16
N ARG A 57 1.83 -21.70 6.95
CA ARG A 57 1.79 -21.43 8.38
C ARG A 57 2.00 -19.96 8.72
N ASP A 58 2.59 -19.19 7.81
CA ASP A 58 2.95 -17.80 8.08
C ASP A 58 2.01 -16.79 7.43
N LEU A 59 0.95 -17.25 6.77
CA LEU A 59 0.08 -16.31 6.05
C LEU A 59 -0.75 -15.48 7.02
N GLY A 60 -1.26 -16.11 8.08
CA GLY A 60 -2.03 -15.41 9.08
C GLY A 60 -1.27 -14.29 9.75
N PRO A 61 -0.17 -14.63 10.44
CA PRO A 61 0.66 -13.57 11.07
C PRO A 61 1.12 -12.50 10.10
N ALA A 62 1.50 -12.87 8.88
CA ALA A 62 1.95 -11.90 7.88
C ALA A 62 0.94 -10.76 7.74
N PHE A 63 -0.31 -11.10 7.41
CA PHE A 63 -1.37 -10.10 7.34
C PHE A 63 -1.40 -9.25 8.60
N THR A 64 -1.35 -9.89 9.77
CA THR A 64 -1.29 -9.16 11.02
C THR A 64 -0.21 -8.09 10.97
N GLU A 65 1.02 -8.50 10.67
CA GLU A 65 2.12 -7.55 10.53
C GLU A 65 1.73 -6.43 9.57
N LEU A 66 1.24 -6.80 8.38
CA LEU A 66 0.83 -5.81 7.40
C LEU A 66 -0.12 -4.80 8.02
N ILE A 67 -1.15 -5.28 8.72
CA ILE A 67 -2.13 -4.37 9.31
C ILE A 67 -1.44 -3.41 10.27
N SER A 68 -0.55 -3.93 11.12
CA SER A 68 0.18 -3.06 12.03
C SER A 68 0.95 -2.01 11.26
N GLY A 69 1.62 -2.42 10.17
CA GLY A 69 2.30 -1.46 9.33
C GLY A 69 1.36 -0.39 8.80
N LEU A 70 0.17 -0.81 8.34
CA LEU A 70 -0.80 0.15 7.85
C LEU A 70 -1.27 1.08 8.97
N ALA A 71 -1.23 0.62 10.21
CA ALA A 71 -1.61 1.47 11.33
C ALA A 71 -0.56 2.55 11.61
N LYS A 72 0.61 2.47 10.98
CA LYS A 72 1.68 3.43 11.21
C LYS A 72 1.90 4.34 10.01
N LEU A 73 0.88 4.50 9.15
CA LEU A 73 0.97 5.40 8.01
C LEU A 73 0.06 6.61 8.14
N LYS A 74 -0.99 6.54 8.95
CA LYS A 74 -1.86 7.67 9.22
C LYS A 74 -1.71 8.08 10.69
N THR A 75 -0.55 8.67 11.00
CA THR A 75 -0.21 9.05 12.37
C THR A 75 0.02 10.54 12.52
N SER A 76 -0.22 11.33 11.48
CA SER A 76 0.01 12.77 11.53
C SER A 76 -0.73 13.44 10.39
N LYS A 77 -0.68 14.78 10.40
CA LYS A 77 -1.25 15.59 9.34
C LYS A 77 -0.21 16.28 8.47
N TYR A 78 0.94 16.66 9.05
CA TYR A 78 2.01 17.24 8.25
C TYR A 78 2.47 16.27 7.17
N THR A 79 2.60 14.99 7.51
CA THR A 79 3.06 13.96 6.58
C THR A 79 2.23 12.71 6.82
N TYR A 80 1.56 12.23 5.77
CA TYR A 80 0.69 11.07 5.93
C TYR A 80 0.64 10.29 4.62
N THR A 81 0.03 9.11 4.71
CA THR A 81 -0.13 8.21 3.57
C THR A 81 -1.49 7.52 3.69
N ASP A 82 -2.33 7.72 2.68
CA ASP A 82 -3.67 7.12 2.64
C ASP A 82 -3.70 6.03 1.57
N LEU A 83 -4.24 4.87 1.95
CA LEU A 83 -4.28 3.71 1.09
C LEU A 83 -5.70 3.21 0.97
N THR A 84 -6.16 2.93 -0.26
CA THR A 84 -7.48 2.39 -0.50
C THR A 84 -7.38 1.20 -1.45
N TYR A 85 -8.29 0.25 -1.25
CA TYR A 85 -8.33 -0.99 -2.00
C TYR A 85 -9.77 -1.30 -2.40
N GLN A 86 -10.00 -1.50 -3.69
CA GLN A 86 -11.33 -1.78 -4.22
C GLN A 86 -11.28 -2.99 -5.14
N SER A 87 -12.34 -3.80 -5.08
CA SER A 87 -12.52 -4.93 -5.97
C SER A 87 -13.89 -4.83 -6.62
N PHE A 88 -13.94 -5.02 -7.93
CA PHE A 88 -15.17 -4.92 -8.72
C PHE A 88 -15.37 -6.23 -9.46
N VAL A 89 -16.40 -6.97 -9.08
CA VAL A 89 -16.75 -8.25 -9.67
C VAL A 89 -18.12 -8.12 -10.32
N ASP A 90 -18.26 -8.73 -11.49
CA ASP A 90 -19.52 -8.63 -12.24
C ASP A 90 -20.65 -9.32 -11.48
N ASN A 91 -21.86 -8.81 -11.71
CA ASN A 91 -23.03 -9.37 -11.03
C ASN A 91 -23.24 -10.84 -11.38
N THR A 92 -22.89 -11.24 -12.60
CA THR A 92 -23.13 -12.61 -13.03
C THR A 92 -22.20 -13.61 -12.33
N VAL A 93 -21.09 -13.14 -11.77
CA VAL A 93 -20.18 -14.03 -11.08
C VAL A 93 -20.84 -14.54 -9.80
N SER A 94 -20.74 -15.85 -9.56
CA SER A 94 -21.34 -16.47 -8.39
C SER A 94 -20.28 -16.55 -7.31
N ILE A 95 -20.17 -15.48 -6.51
CA ILE A 95 -19.19 -15.44 -5.43
C ILE A 95 -19.64 -16.36 -4.30
N LYS A 96 -18.69 -17.08 -3.72
CA LYS A 96 -19.01 -17.94 -2.59
C LYS A 96 -19.55 -17.11 -1.43
N PRO A 97 -20.54 -17.61 -0.69
CA PRO A 97 -21.14 -16.77 0.37
C PRO A 97 -20.19 -16.48 1.53
N SER A 98 -19.31 -17.42 1.87
CA SER A 98 -18.37 -17.17 2.97
C SER A 98 -17.39 -16.07 2.61
N TYR A 99 -16.83 -16.13 1.40
CA TYR A 99 -15.89 -15.10 0.95
C TYR A 99 -16.55 -13.73 0.98
N TYR A 100 -17.78 -13.63 0.47
CA TYR A 100 -18.49 -12.37 0.45
C TYR A 100 -18.77 -11.87 1.87
N GLN A 101 -19.20 -12.77 2.76
CA GLN A 101 -19.44 -12.39 4.14
C GLN A 101 -18.17 -11.88 4.81
N GLN A 102 -17.01 -12.45 4.43
CA GLN A 102 -15.77 -12.08 5.10
C GLN A 102 -15.19 -10.78 4.57
N TYR A 103 -15.27 -10.54 3.26
CA TYR A 103 -14.46 -9.49 2.66
C TYR A 103 -15.24 -8.42 1.90
N HIS A 104 -16.58 -8.46 1.92
CA HIS A 104 -17.32 -7.47 1.13
C HIS A 104 -17.25 -6.08 1.73
N ARG A 105 -16.89 -5.96 3.01
CA ARG A 105 -16.80 -4.64 3.63
C ARG A 105 -15.52 -3.91 3.24
N PHE A 106 -14.47 -4.65 2.85
CA PHE A 106 -13.24 -4.06 2.32
C PHE A 106 -13.39 -3.82 0.81
N GLY A 107 -14.41 -3.04 0.46
CA GLY A 107 -14.62 -2.61 -0.92
C GLY A 107 -14.72 -3.72 -1.94
N LEU A 108 -15.76 -4.55 -1.84
CA LEU A 108 -16.12 -5.51 -2.88
C LEU A 108 -17.41 -5.02 -3.51
N TYR A 109 -17.32 -4.48 -4.72
CA TYR A 109 -18.44 -3.89 -5.40
C TYR A 109 -18.89 -4.76 -6.58
N ARG A 110 -20.20 -4.84 -6.77
CA ARG A 110 -20.80 -5.63 -7.84
C ARG A 110 -21.54 -4.71 -8.80
N LEU A 111 -21.33 -4.95 -10.10
CA LEU A 111 -21.93 -4.11 -11.14
C LEU A 111 -21.98 -4.90 -12.43
N ASN A 112 -22.58 -4.30 -13.46
CA ASN A 112 -22.62 -4.87 -14.79
C ASN A 112 -21.62 -4.12 -15.66
N PHE A 113 -20.51 -4.79 -15.99
CA PHE A 113 -19.43 -4.13 -16.72
C PHE A 113 -19.84 -3.66 -18.11
N ARG A 114 -20.99 -4.10 -18.61
CA ARG A 114 -21.48 -3.68 -19.92
C ARG A 114 -22.42 -2.48 -19.84
N ARG A 115 -22.60 -1.91 -18.66
CA ARG A 115 -23.46 -0.74 -18.47
C ARG A 115 -22.62 0.40 -17.90
N ASP A 116 -21.78 1.00 -18.74
CA ASP A 116 -20.99 2.18 -18.37
C ASP A 116 -20.17 1.92 -17.10
N ALA A 117 -19.37 0.85 -17.14
CA ALA A 117 -18.57 0.50 -15.97
C ALA A 117 -17.50 1.54 -15.68
N VAL A 118 -17.03 2.24 -16.71
CA VAL A 118 -15.93 3.18 -16.55
C VAL A 118 -16.31 4.29 -15.57
N ASN A 119 -17.44 4.97 -15.84
CA ASN A 119 -17.84 6.09 -14.99
C ASN A 119 -18.18 5.63 -13.59
N LYS A 120 -18.84 4.46 -13.46
CA LYS A 120 -19.22 3.96 -12.15
C LYS A 120 -17.99 3.65 -11.30
N ILE A 121 -17.02 2.96 -11.89
CA ILE A 121 -15.80 2.60 -11.15
C ILE A 121 -14.99 3.84 -10.83
N ASN A 122 -14.90 4.79 -11.77
CA ASN A 122 -14.21 6.03 -11.50
C ASN A 122 -14.86 6.80 -10.35
N SER A 123 -16.19 6.81 -10.31
CA SER A 123 -16.89 7.49 -9.23
C SER A 123 -16.64 6.81 -7.90
N ILE A 124 -16.66 5.47 -7.87
CA ILE A 124 -16.41 4.76 -6.62
C ILE A 124 -14.99 5.02 -6.13
N VAL A 125 -14.01 4.96 -7.02
CA VAL A 125 -12.63 5.19 -6.63
C VAL A 125 -12.43 6.64 -6.19
N GLU A 126 -13.11 7.58 -6.85
CA GLU A 126 -12.98 8.98 -6.46
C GLU A 126 -13.61 9.24 -5.10
N ARG A 127 -14.74 8.59 -4.81
CA ARG A 127 -15.38 8.75 -3.52
C ARG A 127 -14.55 8.11 -2.40
N ARG A 128 -13.89 6.98 -2.67
CA ARG A 128 -13.13 6.30 -1.63
C ARG A 128 -11.72 6.83 -1.45
N SER A 129 -11.11 7.45 -2.47
CA SER A 129 -9.72 7.85 -2.40
C SER A 129 -9.44 9.28 -2.84
N GLY A 130 -10.43 9.99 -3.40
CA GLY A 130 -10.21 11.33 -3.88
C GLY A 130 -9.61 11.44 -5.26
N MET A 131 -8.89 10.42 -5.72
CA MET A 131 -8.32 10.43 -7.06
C MET A 131 -9.40 10.15 -8.09
N SER A 132 -9.48 10.99 -9.11
CA SER A 132 -10.52 10.91 -10.12
C SER A 132 -9.95 10.39 -11.44
N ASN A 133 -10.81 9.70 -12.19
CA ASN A 133 -10.47 9.20 -13.53
C ASN A 133 -9.25 8.27 -13.48
N VAL A 134 -9.24 7.37 -12.50
CA VAL A 134 -8.11 6.47 -12.33
C VAL A 134 -8.07 5.44 -13.46
N VAL A 135 -9.23 4.93 -13.87
CA VAL A 135 -9.33 3.91 -14.89
C VAL A 135 -9.75 4.55 -16.20
N ASP A 136 -9.08 4.17 -17.28
CA ASP A 136 -9.32 4.74 -18.60
C ASP A 136 -10.39 3.94 -19.35
N SER A 137 -10.91 4.55 -20.41
CA SER A 137 -11.97 3.92 -21.18
C SER A 137 -11.48 2.72 -21.97
N ASN A 138 -10.23 2.74 -22.42
CA ASN A 138 -9.68 1.62 -23.19
C ASN A 138 -9.15 0.50 -22.32
N MET A 139 -9.41 0.54 -21.02
CA MET A 139 -9.04 -0.54 -20.11
C MET A 139 -10.25 -1.33 -19.64
N LEU A 140 -11.43 -1.09 -20.22
CA LEU A 140 -12.65 -1.80 -19.86
C LEU A 140 -13.46 -2.04 -21.12
N ASP A 141 -13.77 -3.30 -21.40
CA ASP A 141 -14.59 -3.69 -22.54
C ASP A 141 -15.84 -4.39 -22.03
N ASN A 142 -16.64 -4.90 -22.98
CA ASN A 142 -17.82 -5.68 -22.63
C ASN A 142 -17.49 -7.10 -22.23
N ASN A 143 -16.20 -7.47 -22.19
CA ASN A 143 -15.78 -8.81 -21.80
C ASN A 143 -15.17 -8.87 -20.42
N THR A 144 -14.69 -7.75 -19.88
CA THR A 144 -14.05 -7.77 -18.58
C THR A 144 -15.06 -8.07 -17.48
N LEU A 145 -14.64 -8.90 -16.53
CA LEU A 145 -15.51 -9.32 -15.43
C LEU A 145 -14.91 -9.08 -14.05
N TRP A 146 -13.67 -8.63 -13.96
CA TRP A 146 -12.99 -8.48 -12.68
C TRP A 146 -12.01 -7.31 -12.79
N ALA A 147 -12.00 -6.47 -11.77
CA ALA A 147 -11.10 -5.32 -11.76
C ALA A 147 -10.72 -4.98 -10.33
N ILE A 148 -9.42 -4.98 -10.04
CA ILE A 148 -8.92 -4.65 -8.71
C ILE A 148 -8.09 -3.37 -8.81
N ILE A 149 -8.39 -2.41 -7.92
CA ILE A 149 -7.73 -1.11 -7.92
C ILE A 149 -7.14 -0.87 -6.55
N ASN A 150 -5.90 -0.41 -6.50
CA ASN A 150 -5.18 -0.17 -5.25
C ASN A 150 -4.51 1.20 -5.35
N THR A 151 -5.05 2.18 -4.63
CA THR A 151 -4.54 3.55 -4.71
C THR A 151 -3.82 3.91 -3.43
N ILE A 152 -2.74 4.68 -3.57
CA ILE A 152 -1.92 5.13 -2.45
C ILE A 152 -1.53 6.59 -2.70
N TYR A 153 -1.61 7.40 -1.65
CA TYR A 153 -1.31 8.83 -1.72
C TYR A 153 -0.41 9.19 -0.56
N PHE A 154 0.69 9.87 -0.84
CA PHE A 154 1.67 10.27 0.16
C PHE A 154 1.85 11.78 0.13
N LYS A 155 1.54 12.43 1.24
CA LYS A 155 1.79 13.86 1.43
C LYS A 155 2.96 14.02 2.39
N GLY A 156 4.02 14.68 1.92
CA GLY A 156 5.22 14.83 2.72
C GLY A 156 5.63 16.29 2.81
N ILE A 157 6.28 16.61 3.94
CA ILE A 157 6.81 17.94 4.21
C ILE A 157 8.19 17.77 4.81
N TRP A 158 9.21 18.35 4.18
CA TRP A 158 10.57 18.20 4.67
C TRP A 158 10.69 18.71 6.09
N GLN A 159 11.37 17.93 6.94
CA GLN A 159 11.66 18.41 8.29
C GLN A 159 12.64 19.59 8.25
N TYR A 160 13.49 19.64 7.23
CA TYR A 160 14.42 20.74 7.01
C TYR A 160 14.23 21.23 5.58
N PRO A 161 13.24 22.09 5.35
CA PRO A 161 12.89 22.47 3.97
C PRO A 161 13.99 23.27 3.29
N PHE A 162 13.97 23.19 1.96
CA PHE A 162 14.92 23.94 1.15
C PHE A 162 14.59 25.43 1.17
N ASP A 163 15.63 26.25 1.12
CA ASP A 163 15.44 27.69 0.98
C ASP A 163 14.97 28.00 -0.43
N ILE A 164 13.95 28.85 -0.54
CA ILE A 164 13.39 29.17 -1.85
C ILE A 164 14.43 29.82 -2.76
N THR A 165 15.40 30.52 -2.17
CA THR A 165 16.50 31.10 -2.93
C THR A 165 17.35 29.96 -3.47
N LYS A 166 17.16 29.62 -4.75
CA LYS A 166 17.89 28.55 -5.39
C LYS A 166 18.28 28.97 -6.80
N THR A 167 18.93 28.08 -7.52
CA THR A 167 19.41 28.33 -8.87
C THR A 167 18.67 27.46 -9.88
N ARG A 168 18.89 27.77 -11.16
CA ARG A 168 18.28 27.06 -12.28
C ARG A 168 19.44 26.55 -13.14
N ASN A 169 19.77 25.27 -13.00
CA ASN A 169 20.97 24.72 -13.61
C ASN A 169 20.62 23.80 -14.77
N ALA A 170 21.58 23.63 -15.68
CA ALA A 170 21.39 22.86 -16.90
C ALA A 170 21.93 21.44 -16.70
N SER A 171 21.05 20.45 -16.81
CA SER A 171 21.45 19.06 -16.81
C SER A 171 21.71 18.59 -18.24
N PHE A 172 22.65 17.65 -18.36
CA PHE A 172 23.13 17.19 -19.67
C PHE A 172 22.81 15.71 -19.83
N THR A 173 21.90 15.40 -20.75
CA THR A 173 21.60 14.02 -21.12
C THR A 173 21.87 13.85 -22.62
N ASN A 174 21.46 12.69 -23.15
CA ASN A 174 21.52 12.45 -24.58
C ASN A 174 20.17 12.61 -25.26
N LYS A 175 19.08 12.24 -24.59
CA LYS A 175 17.75 12.54 -25.09
C LYS A 175 17.54 14.04 -25.19
N TYR A 176 17.62 14.74 -24.06
CA TYR A 176 17.65 16.19 -24.02
C TYR A 176 19.10 16.60 -23.83
N GLY A 177 19.73 17.07 -24.92
CA GLY A 177 21.14 17.40 -24.88
C GLY A 177 21.53 18.30 -23.72
N THR A 178 20.72 19.33 -23.46
CA THR A 178 20.94 20.20 -22.32
C THR A 178 19.61 20.84 -21.95
N LYS A 179 19.14 20.59 -20.73
CA LYS A 179 17.83 21.07 -20.28
C LYS A 179 18.02 21.83 -18.99
N THR A 180 17.54 23.08 -18.95
CA THR A 180 17.64 23.89 -17.74
C THR A 180 16.46 23.60 -16.84
N VAL A 181 16.76 23.26 -15.59
CA VAL A 181 15.76 22.87 -14.60
C VAL A 181 16.09 23.55 -13.27
N PRO A 182 15.09 24.01 -12.51
CA PRO A 182 15.37 24.52 -11.17
C PRO A 182 15.94 23.43 -10.28
N MET A 183 16.99 23.79 -9.54
CA MET A 183 17.68 22.85 -8.66
C MET A 183 17.74 23.45 -7.26
N MET A 184 16.98 22.88 -6.34
CA MET A 184 17.01 23.33 -4.96
C MET A 184 18.36 23.03 -4.34
N ASN A 185 18.87 23.96 -3.54
CA ASN A 185 20.17 23.81 -2.91
C ASN A 185 20.06 24.12 -1.43
N VAL A 186 20.73 23.31 -0.61
CA VAL A 186 20.69 23.51 0.84
C VAL A 186 22.00 23.02 1.44
N VAL A 187 22.59 23.82 2.31
CA VAL A 187 23.80 23.45 3.04
C VAL A 187 23.41 23.24 4.49
N THR A 188 23.46 21.99 4.96
CA THR A 188 23.03 21.67 6.32
C THR A 188 23.58 20.31 6.69
N LYS A 189 23.36 19.91 7.93
CA LYS A 189 23.77 18.59 8.38
C LYS A 189 22.65 17.59 8.16
N LEU A 190 23.02 16.40 7.68
CA LEU A 190 22.05 15.36 7.37
C LEU A 190 22.66 14.00 7.69
N GLN A 191 21.80 12.99 7.77
CA GLN A 191 22.25 11.62 7.96
C GLN A 191 22.60 11.04 6.59
N GLY A 192 23.89 11.00 6.29
CA GLY A 192 24.35 10.39 5.06
C GLY A 192 25.64 9.63 5.26
N ASN A 193 26.25 9.22 4.16
CA ASN A 193 27.54 8.52 4.13
C ASN A 193 27.89 8.30 2.68
N THR A 194 29.14 7.87 2.44
CA THR A 194 29.61 7.47 1.13
C THR A 194 30.24 6.09 1.27
N ILE A 195 29.49 5.07 0.87
CA ILE A 195 29.86 3.69 1.14
C ILE A 195 30.29 3.02 -0.16
N THR A 196 30.76 1.78 -0.04
CA THR A 196 31.09 0.95 -1.19
C THR A 196 30.20 -0.27 -1.17
N ILE A 197 29.58 -0.56 -2.32
CA ILE A 197 28.66 -1.68 -2.46
C ILE A 197 29.19 -2.54 -3.60
N ASP A 198 29.80 -3.68 -3.25
CA ASP A 198 30.38 -4.61 -4.22
C ASP A 198 31.44 -3.90 -5.07
N ASP A 199 32.36 -3.22 -4.40
CA ASP A 199 33.44 -2.46 -5.04
C ASP A 199 32.86 -1.43 -6.02
N GLU A 200 32.02 -0.55 -5.48
CA GLU A 200 31.43 0.53 -6.26
C GLU A 200 31.00 1.63 -5.30
N GLU A 201 31.52 2.83 -5.50
CA GLU A 201 31.28 3.94 -4.58
C GLU A 201 29.90 4.53 -4.80
N TYR A 202 29.13 4.65 -3.72
CA TYR A 202 27.79 5.24 -3.77
C TYR A 202 27.61 6.18 -2.59
N ASP A 203 27.12 7.39 -2.88
CA ASP A 203 26.86 8.40 -1.87
C ASP A 203 25.38 8.39 -1.53
N MET A 204 25.06 8.17 -0.25
CA MET A 204 23.68 8.07 0.22
C MET A 204 23.39 9.18 1.22
N VAL A 205 22.20 9.76 1.09
CA VAL A 205 21.72 10.83 1.96
C VAL A 205 20.30 10.51 2.37
N ARG A 206 19.90 10.96 3.57
CA ARG A 206 18.56 10.77 4.07
C ARG A 206 17.90 12.12 4.34
N LEU A 207 16.70 12.31 3.82
CA LEU A 207 15.93 13.52 4.06
C LEU A 207 14.70 13.14 4.88
N PRO A 208 14.64 13.46 6.16
CA PRO A 208 13.49 13.08 6.97
C PRO A 208 12.27 13.92 6.64
N TYR A 209 11.11 13.42 7.07
CA TYR A 209 9.85 14.13 6.92
C TYR A 209 9.33 14.56 8.29
N LYS A 210 8.65 15.70 8.31
CA LYS A 210 8.20 16.27 9.57
C LYS A 210 7.09 15.44 10.19
N ASP A 211 7.21 15.16 11.48
CA ASP A 211 6.17 14.49 12.26
C ASP A 211 5.87 13.09 11.72
N ALA A 212 6.91 12.40 11.26
CA ALA A 212 6.75 11.02 10.80
C ALA A 212 8.11 10.36 10.71
N ASN A 213 8.10 9.03 10.71
CA ASN A 213 9.30 8.23 10.54
C ASN A 213 9.55 7.85 9.09
N ILE A 214 8.98 8.59 8.15
CA ILE A 214 9.19 8.36 6.73
C ILE A 214 10.33 9.24 6.25
N SER A 215 11.16 8.71 5.36
CA SER A 215 12.33 9.43 4.88
C SER A 215 12.52 9.19 3.40
N MET A 216 13.08 10.18 2.72
CA MET A 216 13.50 10.03 1.33
C MET A 216 15.01 9.82 1.30
N TYR A 217 15.43 8.61 0.94
CA TYR A 217 16.83 8.31 0.73
C TYR A 217 17.21 8.60 -0.71
N LEU A 218 18.37 9.22 -0.89
CA LEU A 218 18.92 9.53 -2.21
C LEU A 218 20.25 8.82 -2.35
N ALA A 219 20.44 8.13 -3.47
CA ALA A 219 21.68 7.44 -3.76
C ALA A 219 22.22 7.91 -5.11
N ILE A 220 23.51 8.24 -5.13
CA ILE A 220 24.17 8.74 -6.33
C ILE A 220 25.43 7.92 -6.55
N GLY A 221 25.63 7.46 -7.78
CA GLY A 221 26.80 6.66 -8.11
C GLY A 221 27.06 6.65 -9.60
N ASP A 222 28.07 5.87 -9.98
CA ASP A 222 28.49 5.82 -11.38
C ASP A 222 27.52 4.97 -12.21
N ASN A 223 27.34 3.71 -11.84
CA ASN A 223 26.43 2.80 -12.51
C ASN A 223 25.25 2.54 -11.58
N MET A 224 24.14 3.25 -11.81
CA MET A 224 22.97 3.07 -10.96
C MET A 224 22.27 1.74 -11.21
N THR A 225 22.53 1.09 -12.34
CA THR A 225 21.99 -0.25 -12.55
C THR A 225 22.60 -1.24 -11.57
N HIS A 226 23.89 -1.09 -11.25
CA HIS A 226 24.52 -1.93 -10.24
C HIS A 226 23.89 -1.72 -8.87
N PHE A 227 23.68 -0.46 -8.50
CA PHE A 227 23.03 -0.17 -7.21
C PHE A 227 21.61 -0.71 -7.20
N THR A 228 20.91 -0.65 -8.33
CA THR A 228 19.54 -1.14 -8.39
C THR A 228 19.49 -2.65 -8.25
N ASP A 229 20.36 -3.36 -8.96
CA ASP A 229 20.33 -4.82 -8.98
C ASP A 229 20.87 -5.45 -7.71
N SER A 230 21.30 -4.67 -6.73
CA SER A 230 21.91 -5.22 -5.52
C SER A 230 21.20 -4.78 -4.24
N ILE A 231 20.00 -4.23 -4.33
CA ILE A 231 19.28 -3.73 -3.16
C ILE A 231 18.22 -4.74 -2.76
N THR A 232 18.18 -5.07 -1.48
CA THR A 232 17.12 -5.84 -0.87
C THR A 232 16.67 -5.12 0.39
N ALA A 233 15.64 -5.64 1.04
CA ALA A 233 15.12 -5.01 2.25
C ALA A 233 16.18 -5.01 3.35
N ALA A 234 16.82 -6.16 3.57
CA ALA A 234 17.83 -6.25 4.61
C ALA A 234 19.05 -5.38 4.28
N LYS A 235 19.49 -5.39 3.02
CA LYS A 235 20.60 -4.54 2.63
C LYS A 235 20.23 -3.06 2.74
N LEU A 236 18.98 -2.73 2.46
CA LEU A 236 18.53 -1.35 2.64
C LEU A 236 18.58 -0.94 4.10
N ASP A 237 18.15 -1.84 5.00
CA ASP A 237 18.21 -1.55 6.43
C ASP A 237 19.67 -1.39 6.89
N TYR A 238 20.56 -2.24 6.39
CA TYR A 238 21.98 -2.12 6.74
C TYR A 238 22.56 -0.79 6.25
N TRP A 239 22.24 -0.41 5.01
CA TRP A 239 22.72 0.87 4.49
C TRP A 239 22.18 2.03 5.30
N SER A 240 20.92 1.94 5.75
CA SER A 240 20.37 2.97 6.62
C SER A 240 21.14 3.03 7.94
N PHE A 241 21.51 1.86 8.48
N PHE A 241 21.50 1.86 8.49
CA PHE A 241 22.30 1.84 9.71
CA PHE A 241 22.32 1.82 9.70
C PHE A 241 23.70 2.40 9.51
C PHE A 241 23.65 2.53 9.47
N GLN A 242 24.21 2.39 8.27
CA GLN A 242 25.52 2.98 8.00
C GLN A 242 25.50 4.51 7.85
N LEU A 243 24.34 5.16 7.96
CA LEU A 243 24.25 6.59 7.77
C LEU A 243 24.41 7.35 9.09
N GLY A 244 25.03 8.52 9.02
CA GLY A 244 25.27 9.32 10.20
C GLY A 244 25.31 10.79 9.89
N ASN A 245 25.29 11.60 10.95
CA ASN A 245 25.23 13.04 10.80
C ASN A 245 26.54 13.59 10.23
N LYS A 246 26.42 14.36 9.16
CA LYS A 246 27.57 15.06 8.58
C LYS A 246 27.07 16.19 7.70
N VAL A 247 27.97 17.12 7.40
CA VAL A 247 27.63 18.31 6.62
C VAL A 247 27.46 17.93 5.15
N TYR A 248 26.44 18.51 4.52
CA TYR A 248 26.11 18.23 3.13
C TYR A 248 25.67 19.51 2.43
N ASN A 249 26.15 19.67 1.20
CA ASN A 249 25.67 20.69 0.27
C ASN A 249 24.81 19.98 -0.77
N LEU A 250 23.54 19.75 -0.40
CA LEU A 250 22.63 19.00 -1.25
C LEU A 250 22.14 19.86 -2.40
N LYS A 251 22.27 19.33 -3.62
CA LYS A 251 21.76 19.92 -4.85
C LYS A 251 20.71 18.94 -5.40
N LEU A 252 19.46 19.13 -4.99
CA LEU A 252 18.38 18.25 -5.40
C LEU A 252 17.55 18.91 -6.49
N PRO A 253 17.42 18.30 -7.67
CA PRO A 253 16.59 18.92 -8.71
C PRO A 253 15.12 18.91 -8.31
N LYS A 254 14.41 19.98 -8.70
CA LYS A 254 12.99 20.12 -8.41
C LYS A 254 12.21 19.38 -9.50
N PHE A 255 12.09 18.07 -9.31
CA PHE A 255 11.58 17.19 -10.35
C PHE A 255 10.10 16.88 -10.16
N SER A 256 9.44 16.58 -11.27
CA SER A 256 8.04 16.17 -11.29
C SER A 256 7.89 15.11 -12.37
N ILE A 257 7.64 13.87 -11.97
CA ILE A 257 7.62 12.75 -12.91
C ILE A 257 6.26 12.06 -12.86
N GLU A 258 5.85 11.50 -14.00
CA GLU A 258 4.63 10.72 -14.09
C GLU A 258 4.90 9.51 -14.98
N ASN A 259 4.45 8.34 -14.54
CA ASN A 259 4.64 7.08 -15.25
C ASN A 259 3.31 6.34 -15.35
N LYS A 260 3.10 5.66 -16.47
CA LYS A 260 1.95 4.77 -16.66
C LYS A 260 2.49 3.50 -17.30
N ARG A 261 2.83 2.52 -16.47
CA ARG A 261 3.61 1.37 -16.92
C ARG A 261 2.83 0.07 -16.80
N ASP A 262 2.94 -0.75 -17.84
CA ASP A 262 2.43 -2.11 -17.81
C ASP A 262 3.41 -3.00 -17.06
N ILE A 263 2.95 -3.58 -15.95
CA ILE A 263 3.79 -4.43 -15.12
C ILE A 263 3.40 -5.90 -15.26
N LYS A 264 2.77 -6.26 -16.38
CA LYS A 264 2.32 -7.64 -16.56
C LYS A 264 3.49 -8.61 -16.64
N SER A 265 4.63 -8.18 -17.19
CA SER A 265 5.77 -9.06 -17.35
C SER A 265 6.25 -9.61 -16.01
N ILE A 266 6.56 -8.72 -15.07
CA ILE A 266 7.10 -9.17 -13.79
C ILE A 266 6.02 -9.87 -12.97
N ALA A 267 4.79 -9.38 -13.02
CA ALA A 267 3.71 -10.01 -12.27
C ALA A 267 3.42 -11.42 -12.78
N GLU A 268 3.62 -11.65 -14.07
CA GLU A 268 3.45 -12.99 -14.62
C GLU A 268 4.66 -13.87 -14.34
N MET A 269 5.87 -13.28 -14.32
CA MET A 269 7.04 -14.04 -13.87
C MET A 269 6.88 -14.49 -12.43
N MET A 270 6.17 -13.72 -11.62
CA MET A 270 5.95 -14.07 -10.22
C MET A 270 4.73 -15.00 -10.06
N ALA A 271 3.62 -14.69 -10.71
CA ALA A 271 2.43 -15.52 -10.69
C ALA A 271 1.97 -15.79 -12.11
N PRO A 272 2.50 -16.83 -12.75
CA PRO A 272 2.05 -17.14 -14.12
C PRO A 272 0.60 -17.55 -14.20
N SER A 273 0.14 -18.42 -13.29
CA SER A 273 -1.23 -18.93 -13.36
C SER A 273 -2.27 -17.85 -13.13
N MET A 274 -1.91 -16.77 -12.43
CA MET A 274 -2.86 -15.67 -12.24
C MET A 274 -3.22 -15.01 -13.55
N PHE A 275 -2.33 -15.07 -14.54
CA PHE A 275 -2.56 -14.45 -15.84
C PHE A 275 -2.91 -15.47 -16.93
N ASN A 276 -3.46 -16.62 -16.53
CA ASN A 276 -3.80 -17.68 -17.48
C ASN A 276 -5.15 -18.28 -17.10
N PRO A 277 -6.18 -18.10 -17.93
CA PRO A 277 -7.52 -18.56 -17.55
C PRO A 277 -7.63 -20.06 -17.41
N ASP A 278 -6.69 -20.83 -17.95
CA ASP A 278 -6.74 -22.28 -17.82
C ASP A 278 -6.20 -22.76 -16.49
N ASN A 279 -5.27 -22.01 -15.88
CA ASN A 279 -4.69 -22.40 -14.61
C ASN A 279 -5.10 -21.49 -13.45
N ALA A 280 -5.75 -20.35 -13.72
CA ALA A 280 -6.13 -19.41 -12.67
C ALA A 280 -7.11 -20.04 -11.70
N SER A 281 -6.65 -20.33 -10.49
CA SER A 281 -7.47 -20.93 -9.44
C SER A 281 -7.70 -19.88 -8.36
N PHE A 282 -8.86 -19.24 -8.40
CA PHE A 282 -9.28 -18.34 -7.34
C PHE A 282 -10.50 -18.92 -6.64
N LYS A 283 -10.43 -20.21 -6.29
CA LYS A 283 -11.58 -20.95 -5.79
C LYS A 283 -12.09 -20.45 -4.44
N HIS A 284 -11.35 -19.58 -3.75
CA HIS A 284 -11.84 -19.07 -2.48
C HIS A 284 -12.93 -18.03 -2.68
N MET A 285 -12.89 -17.28 -3.78
CA MET A 285 -13.92 -16.29 -4.07
C MET A 285 -15.08 -16.90 -4.85
N THR A 286 -14.79 -17.52 -5.98
CA THR A 286 -15.83 -18.11 -6.81
C THR A 286 -15.28 -19.34 -7.52
N ARG A 287 -16.18 -20.25 -7.86
CA ARG A 287 -15.83 -21.41 -8.67
C ARG A 287 -15.87 -21.10 -10.17
N ASP A 288 -16.30 -19.90 -10.55
CA ASP A 288 -16.31 -19.47 -11.93
C ASP A 288 -14.89 -19.13 -12.38
N PRO A 289 -14.56 -19.38 -13.66
CA PRO A 289 -13.21 -19.10 -14.14
C PRO A 289 -12.93 -17.61 -14.23
N LEU A 290 -12.17 -17.08 -13.27
CA LEU A 290 -11.76 -15.69 -13.27
C LEU A 290 -10.24 -15.60 -13.30
N TYR A 291 -9.73 -14.61 -14.03
CA TYR A 291 -8.30 -14.40 -14.15
C TYR A 291 -8.06 -12.92 -14.39
N ILE A 292 -6.78 -12.56 -14.52
CA ILE A 292 -6.36 -11.20 -14.81
C ILE A 292 -5.43 -11.26 -16.01
N TYR A 293 -5.70 -10.41 -17.02
CA TYR A 293 -4.89 -10.43 -18.23
C TYR A 293 -4.00 -9.21 -18.39
N LYS A 294 -4.27 -8.12 -17.66
CA LYS A 294 -3.45 -6.91 -17.74
C LYS A 294 -3.27 -6.35 -16.35
N MET A 295 -2.09 -5.79 -16.09
CA MET A 295 -1.79 -5.15 -14.82
C MET A 295 -0.92 -3.93 -15.08
N PHE A 296 -1.40 -2.77 -14.65
CA PHE A 296 -0.71 -1.51 -14.84
C PHE A 296 -0.50 -0.81 -13.51
N GLN A 297 0.40 0.17 -13.52
CA GLN A 297 0.51 1.11 -12.41
C GLN A 297 0.73 2.50 -12.95
N ASN A 298 -0.06 3.44 -12.47
CA ASN A 298 0.07 4.87 -12.79
C ASN A 298 0.61 5.57 -11.55
N ALA A 299 1.83 6.07 -11.64
CA ALA A 299 2.48 6.75 -10.53
C ALA A 299 2.83 8.18 -10.93
N LYS A 300 2.99 9.03 -9.91
CA LYS A 300 3.31 10.43 -10.10
C LYS A 300 3.96 10.95 -8.83
N ILE A 301 4.99 11.77 -8.99
CA ILE A 301 5.65 12.40 -7.85
C ILE A 301 5.99 13.84 -8.21
N ASP A 302 5.82 14.73 -7.23
CA ASP A 302 6.19 16.13 -7.36
C ASP A 302 6.94 16.55 -6.10
N VAL A 303 8.15 17.07 -6.28
CA VAL A 303 9.01 17.48 -5.17
C VAL A 303 9.29 18.97 -5.29
N ASP A 304 9.01 19.71 -4.23
CA ASP A 304 9.40 21.11 -4.15
C ASP A 304 10.10 21.40 -2.83
N GLU A 305 10.30 22.69 -2.52
CA GLU A 305 11.09 23.06 -1.35
C GLU A 305 10.37 22.72 -0.05
N GLN A 306 9.05 22.63 -0.05
CA GLN A 306 8.32 22.33 1.17
C GLN A 306 8.24 20.83 1.44
N GLY A 307 7.93 20.04 0.42
CA GLY A 307 7.85 18.60 0.63
C GLY A 307 7.61 17.85 -0.65
N THR A 308 7.02 16.67 -0.51
CA THR A 308 6.78 15.76 -1.61
C THR A 308 5.30 15.38 -1.65
N VAL A 309 4.75 15.26 -2.87
CA VAL A 309 3.40 14.76 -3.07
C VAL A 309 3.48 13.63 -4.10
N ALA A 310 3.08 12.43 -3.71
CA ALA A 310 3.17 11.27 -4.58
C ALA A 310 1.83 10.55 -4.63
N GLU A 311 1.48 10.06 -5.81
CA GLU A 311 0.26 9.28 -6.02
C GLU A 311 0.60 8.04 -6.80
N ALA A 312 -0.12 6.95 -6.55
CA ALA A 312 0.06 5.73 -7.32
C ALA A 312 -1.23 4.93 -7.31
N SER A 313 -1.47 4.25 -8.43
CA SER A 313 -2.66 3.42 -8.59
C SER A 313 -2.27 2.16 -9.35
N THR A 314 -2.43 1.01 -8.71
CA THR A 314 -2.16 -0.29 -9.31
C THR A 314 -3.48 -0.91 -9.74
N ILE A 315 -3.60 -1.26 -11.01
CA ILE A 315 -4.86 -1.71 -11.60
C ILE A 315 -4.64 -3.09 -12.22
N MET A 316 -5.38 -4.08 -11.73
CA MET A 316 -5.45 -5.40 -12.34
C MET A 316 -6.79 -5.50 -13.07
N VAL A 317 -6.74 -5.63 -14.39
CA VAL A 317 -7.91 -5.57 -15.24
C VAL A 317 -7.74 -6.62 -16.35
N ALA A 318 -8.75 -6.73 -17.22
CA ALA A 318 -8.77 -7.76 -18.25
C ALA A 318 -8.18 -7.31 -19.58
N THR A 319 -8.23 -6.02 -19.90
CA THR A 319 -7.70 -5.54 -21.16
C THR A 319 -7.18 -4.13 -21.00
N ALA A 320 -6.24 -3.76 -21.86
CA ALA A 320 -5.65 -2.42 -21.89
C ALA A 320 -4.80 -2.29 -23.13
N ARG A 321 -4.49 -1.04 -23.49
CA ARG A 321 -3.65 -0.74 -24.65
C ARG A 321 -2.73 0.41 -24.28
N SER A 322 -1.42 0.14 -24.30
CA SER A 322 -0.43 1.16 -23.97
C SER A 322 0.89 0.82 -24.65
N SER A 323 1.78 1.80 -24.69
CA SER A 323 3.08 1.65 -25.31
C SER A 323 4.17 1.92 -24.30
N PRO A 324 5.22 1.09 -24.22
CA PRO A 324 6.27 1.32 -23.23
C PRO A 324 7.13 2.52 -23.59
N GLU A 325 7.63 3.20 -22.56
CA GLU A 325 8.53 4.34 -22.70
C GLU A 325 9.95 3.92 -22.35
N LYS A 326 10.91 4.46 -23.09
CA LYS A 326 12.33 4.12 -22.89
C LYS A 326 13.14 5.41 -22.99
N LEU A 327 13.61 5.90 -21.85
CA LEU A 327 14.50 7.04 -21.78
C LEU A 327 15.80 6.59 -21.13
N GLU A 328 16.92 6.94 -21.76
CA GLU A 328 18.25 6.53 -21.29
C GLU A 328 18.90 7.71 -20.59
N PHE A 329 18.89 7.69 -19.26
CA PHE A 329 19.54 8.71 -18.46
C PHE A 329 21.00 8.34 -18.23
N ASN A 330 21.86 9.35 -18.26
CA ASN A 330 23.29 9.19 -17.97
C ASN A 330 23.59 9.79 -16.61
N THR A 331 24.28 9.02 -15.77
CA THR A 331 24.62 9.43 -14.41
C THR A 331 23.41 9.96 -13.64
N PRO A 332 22.38 9.14 -13.43
CA PRO A 332 21.22 9.62 -12.65
C PRO A 332 21.36 9.27 -11.18
N PHE A 333 20.36 9.61 -10.37
CA PHE A 333 20.33 9.23 -8.97
C PHE A 333 19.00 8.53 -8.69
N VAL A 334 18.96 7.79 -7.59
CA VAL A 334 17.80 6.98 -7.23
C VAL A 334 17.25 7.48 -5.90
N PHE A 335 15.96 7.79 -5.88
CA PHE A 335 15.27 8.19 -4.66
C PHE A 335 14.36 7.08 -4.18
N ILE A 336 14.19 6.99 -2.87
CA ILE A 336 13.40 5.94 -2.23
C ILE A 336 12.66 6.55 -1.04
N ILE A 337 11.34 6.58 -1.09
CA ILE A 337 10.53 7.01 0.04
C ILE A 337 10.21 5.77 0.87
N ARG A 338 10.73 5.73 2.11
CA ARG A 338 10.70 4.53 2.92
C ARG A 338 10.21 4.86 4.33
N HIS A 339 9.37 3.98 4.86
CA HIS A 339 8.93 4.05 6.25
C HIS A 339 9.98 3.34 7.10
N ASP A 340 10.70 4.12 7.91
CA ASP A 340 11.86 3.59 8.62
C ASP A 340 11.52 2.59 9.71
N ILE A 341 10.24 2.40 10.02
CA ILE A 341 9.84 1.46 11.06
C ILE A 341 9.47 0.12 10.44
N THR A 342 8.51 0.14 9.52
CA THR A 342 8.04 -1.07 8.88
C THR A 342 8.89 -1.51 7.70
N GLY A 343 9.83 -0.67 7.27
CA GLY A 343 10.61 -0.96 6.08
C GLY A 343 9.85 -0.83 4.78
N PHE A 344 8.59 -0.42 4.82
CA PHE A 344 7.80 -0.29 3.60
C PHE A 344 8.43 0.75 2.67
N ILE A 345 8.47 0.42 1.38
CA ILE A 345 8.96 1.32 0.35
C ILE A 345 7.73 1.86 -0.37
N LEU A 346 7.29 3.05 0.03
CA LEU A 346 6.08 3.62 -0.56
C LEU A 346 6.30 3.98 -2.02
N PHE A 347 7.37 4.73 -2.31
CA PHE A 347 7.71 5.12 -3.66
C PHE A 347 9.20 5.02 -3.85
N MET A 348 9.62 4.94 -5.11
CA MET A 348 11.03 4.99 -5.49
C MET A 348 11.11 5.16 -7.00
N GLY A 349 12.21 5.76 -7.44
CA GLY A 349 12.38 5.97 -8.86
C GLY A 349 13.78 6.43 -9.19
N LYS A 350 13.88 7.11 -10.33
CA LYS A 350 15.17 7.57 -10.84
C LYS A 350 14.99 8.88 -11.58
N VAL A 351 15.79 9.88 -11.21
CA VAL A 351 15.74 11.19 -11.81
C VAL A 351 17.10 11.50 -12.41
N GLU A 352 17.09 12.21 -13.54
CA GLU A 352 18.34 12.62 -14.17
C GLU A 352 19.07 13.63 -13.28
N SER A 353 20.28 13.28 -12.87
CA SER A 353 21.08 14.11 -12.00
C SER A 353 21.94 15.08 -12.81
N PRO A 354 22.18 16.28 -12.29
CA PRO A 354 23.09 17.21 -12.96
C PRO A 354 24.51 16.65 -13.00
N GLY A 355 25.28 17.13 -13.98
CA GLY A 355 26.66 16.69 -14.10
C GLY A 355 27.49 16.97 -12.87
N SER A 356 27.15 18.03 -12.14
CA SER A 356 27.85 18.33 -10.90
C SER A 356 27.50 17.34 -9.79
N GLY A 357 26.42 16.59 -9.94
CA GLY A 357 26.01 15.64 -8.93
C GLY A 357 25.09 16.25 -7.90
N LEU A 358 24.64 15.40 -6.98
CA LEU A 358 23.77 15.84 -5.89
C LEU A 358 24.54 16.38 -4.70
N VAL A 359 25.76 15.92 -4.49
CA VAL A 359 26.59 16.38 -3.36
C VAL A 359 27.96 16.79 -3.87
N PRO A 360 28.17 18.06 -4.23
CA PRO A 360 29.50 18.55 -4.62
C PRO A 360 30.43 18.69 -3.43
N THR B 3 -33.68 -13.36 19.84
CA THR B 3 -33.36 -12.06 19.26
C THR B 3 -32.09 -12.13 18.42
N PRO B 4 -32.18 -11.73 17.15
CA PRO B 4 -30.98 -11.73 16.29
C PRO B 4 -30.00 -10.61 16.59
N PHE B 5 -30.39 -9.61 17.38
CA PHE B 5 -29.52 -8.49 17.70
C PHE B 5 -29.70 -8.06 19.15
N PRO B 6 -28.69 -8.21 19.99
CA PRO B 6 -28.75 -7.61 21.33
C PRO B 6 -28.89 -6.11 21.25
N GLN B 7 -29.91 -5.58 21.92
CA GLN B 7 -30.23 -4.15 21.88
C GLN B 7 -29.61 -3.47 23.11
N THR B 8 -28.49 -2.79 22.89
CA THR B 8 -27.81 -2.04 23.94
C THR B 8 -28.37 -0.61 23.96
N SER B 9 -29.09 -0.27 25.02
CA SER B 9 -29.73 1.03 25.15
C SER B 9 -28.92 1.91 26.09
N LYS B 10 -28.51 3.07 25.61
CA LYS B 10 -27.72 4.02 26.40
C LYS B 10 -28.29 5.42 26.21
N LYS B 11 -27.80 6.34 27.05
CA LYS B 11 -28.24 7.72 27.04
C LYS B 11 -27.22 8.61 26.33
N ILE B 12 -27.65 9.83 26.02
CA ILE B 12 -26.77 10.80 25.37
C ILE B 12 -25.67 11.20 26.36
N GLY B 13 -24.42 11.00 25.95
CA GLY B 13 -23.27 11.38 26.75
C GLY B 13 -22.57 10.23 27.45
N ASP B 14 -23.18 9.06 27.51
CA ASP B 14 -22.54 7.92 28.15
C ASP B 14 -21.41 7.37 27.29
N ASP B 15 -20.66 6.45 27.87
CA ASP B 15 -19.61 5.71 27.17
C ASP B 15 -20.07 4.26 27.03
N ALA B 16 -20.35 3.85 25.79
CA ALA B 16 -20.84 2.50 25.52
C ALA B 16 -19.66 1.57 25.28
N THR B 17 -19.53 0.56 26.15
CA THR B 17 -18.46 -0.43 26.03
C THR B 17 -19.02 -1.67 25.37
N LEU B 18 -18.65 -1.89 24.10
CA LEU B 18 -19.09 -3.04 23.34
C LEU B 18 -18.01 -4.10 23.32
N SER B 19 -18.36 -5.33 23.67
CA SER B 19 -17.42 -6.43 23.75
C SER B 19 -17.97 -7.66 23.04
N CYS B 20 -17.05 -8.48 22.54
CA CYS B 20 -17.39 -9.71 21.85
C CYS B 20 -16.37 -10.79 22.19
N ASN B 21 -16.83 -12.03 22.23
CA ASN B 21 -16.01 -13.18 22.56
C ASN B 21 -15.91 -14.11 21.37
N ARG B 22 -14.70 -14.62 21.11
CA ARG B 22 -14.48 -15.58 20.04
C ARG B 22 -14.77 -16.98 20.54
N ASN B 23 -15.51 -17.75 19.74
CA ASN B 23 -15.84 -19.13 20.11
C ASN B 23 -14.61 -20.03 19.97
N ASN B 24 -13.93 -19.95 18.83
CA ASN B 24 -12.68 -20.67 18.62
C ASN B 24 -11.62 -20.06 19.52
N THR B 25 -11.21 -20.80 20.55
CA THR B 25 -10.19 -20.35 21.49
C THR B 25 -8.88 -21.12 21.33
N ASN B 26 -8.71 -21.80 20.20
CA ASN B 26 -7.51 -22.61 19.97
C ASN B 26 -6.83 -22.28 18.64
N ASP B 27 -7.21 -21.19 17.99
CA ASP B 27 -6.60 -20.77 16.74
C ASP B 27 -6.01 -19.37 16.87
N TYR B 28 -5.09 -19.05 15.97
CA TYR B 28 -4.43 -17.74 15.99
C TYR B 28 -5.35 -16.71 15.37
N VAL B 29 -5.73 -15.70 16.16
CA VAL B 29 -6.55 -14.60 15.65
C VAL B 29 -5.67 -13.73 14.76
N VAL B 30 -5.95 -13.75 13.45
CA VAL B 30 -5.24 -12.86 12.54
C VAL B 30 -5.54 -11.41 12.89
N MET B 31 -6.82 -11.10 13.10
CA MET B 31 -7.19 -9.73 13.48
C MET B 31 -8.61 -9.70 14.01
N SER B 32 -8.96 -8.58 14.62
CA SER B 32 -10.32 -8.33 15.10
C SER B 32 -10.82 -7.02 14.52
N ALA B 33 -11.97 -7.06 13.86
CA ALA B 33 -12.50 -5.91 13.15
C ALA B 33 -13.78 -5.41 13.80
N TRP B 34 -13.99 -4.10 13.74
CA TRP B 34 -15.23 -3.46 14.16
C TRP B 34 -15.71 -2.58 13.03
N TYR B 35 -16.98 -2.76 12.63
CA TYR B 35 -17.58 -1.90 11.62
C TYR B 35 -18.99 -1.50 12.03
N LYS B 36 -19.38 -0.28 11.67
CA LYS B 36 -20.77 0.12 11.74
C LYS B 36 -21.50 -0.49 10.55
N GLU B 37 -22.51 -1.30 10.83
CA GLU B 37 -23.18 -2.08 9.78
C GLU B 37 -23.64 -1.24 8.58
N PRO B 38 -24.12 0.02 8.73
CA PRO B 38 -24.30 0.84 7.52
C PRO B 38 -22.98 1.15 6.84
N ASN B 39 -22.44 0.17 6.10
CA ASN B 39 -21.21 0.25 5.31
C ASN B 39 -20.19 1.27 5.82
N SER B 40 -19.69 1.07 7.04
CA SER B 40 -18.70 1.95 7.65
C SER B 40 -17.77 1.11 8.50
N ILE B 41 -16.50 1.05 8.11
CA ILE B 41 -15.50 0.31 8.87
C ILE B 41 -14.97 1.21 9.98
N ILE B 42 -15.11 0.76 11.22
CA ILE B 42 -14.64 1.55 12.36
C ILE B 42 -13.14 1.37 12.55
N LEU B 43 -12.71 0.13 12.79
CA LEU B 43 -11.29 -0.10 13.06
C LEU B 43 -10.93 -1.56 12.82
N LEU B 44 -9.63 -1.77 12.63
CA LEU B 44 -9.04 -3.10 12.51
C LEU B 44 -7.90 -3.20 13.51
N ALA B 45 -8.01 -4.13 14.45
CA ALA B 45 -7.01 -4.31 15.50
C ALA B 45 -6.20 -5.57 15.20
N ALA B 46 -4.89 -5.39 15.03
CA ALA B 46 -3.93 -6.48 14.96
C ALA B 46 -3.12 -6.41 16.24
N LYS B 47 -3.48 -7.25 17.21
CA LYS B 47 -2.86 -7.28 18.54
C LYS B 47 -3.00 -5.90 19.15
N SER B 48 -1.91 -5.17 19.42
CA SER B 48 -1.97 -3.86 20.03
C SER B 48 -1.79 -2.72 19.03
N ASP B 49 -1.92 -3.02 17.73
CA ASP B 49 -1.85 -2.00 16.68
C ASP B 49 -3.23 -1.83 16.08
N VAL B 50 -3.81 -0.64 16.22
CA VAL B 50 -5.17 -0.36 15.77
C VAL B 50 -5.11 0.58 14.58
N LEU B 51 -5.70 0.17 13.47
CA LEU B 51 -5.81 0.98 12.26
C LEU B 51 -7.25 1.46 12.16
N TYR B 52 -7.45 2.77 12.27
CA TYR B 52 -8.79 3.35 12.23
C TYR B 52 -9.13 3.73 10.79
N PHE B 53 -10.31 3.32 10.34
CA PHE B 53 -10.79 3.63 9.01
C PHE B 53 -11.74 4.82 9.04
N ASP B 54 -11.91 5.42 7.87
CA ASP B 54 -12.91 6.49 7.66
C ASP B 54 -12.62 7.63 8.64
N ASN B 55 -13.68 8.31 9.09
CA ASN B 55 -13.54 9.39 10.08
C ASN B 55 -13.70 8.82 11.48
N TYR B 56 -12.66 8.10 11.90
CA TYR B 56 -12.62 7.49 13.23
C TYR B 56 -11.21 7.64 13.80
N THR B 57 -11.13 8.03 15.07
CA THR B 57 -9.86 8.21 15.74
C THR B 57 -9.94 7.60 17.13
N LYS B 58 -8.83 7.65 17.87
CA LYS B 58 -8.78 7.13 19.22
C LYS B 58 -9.57 7.97 20.22
N ASP B 59 -10.17 9.08 19.78
CA ASP B 59 -10.85 9.98 20.70
C ASP B 59 -12.23 9.45 21.09
N LYS B 60 -13.11 9.29 20.11
CA LYS B 60 -14.47 8.84 20.41
C LYS B 60 -14.51 7.34 20.69
N ILE B 61 -13.80 6.54 19.89
CA ILE B 61 -13.81 5.09 20.02
C ILE B 61 -12.40 4.64 20.39
N SER B 62 -12.28 3.96 21.53
CA SER B 62 -11.00 3.47 22.02
C SER B 62 -11.02 1.95 22.09
N TYR B 63 -9.94 1.33 21.64
CA TYR B 63 -9.78 -0.12 21.72
C TYR B 63 -9.22 -0.48 23.09
N ASP B 64 -9.97 -1.29 23.84
CA ASP B 64 -9.69 -1.54 25.25
C ASP B 64 -9.10 -2.91 25.53
N SER B 65 -8.98 -3.78 24.52
CA SER B 65 -8.46 -5.14 24.70
C SER B 65 -7.27 -5.36 23.79
N PRO B 66 -6.15 -4.67 24.03
CA PRO B 66 -4.98 -4.83 23.15
C PRO B 66 -4.20 -6.09 23.47
N TYR B 67 -4.21 -6.50 24.75
CA TYR B 67 -3.41 -7.61 25.22
C TYR B 67 -4.24 -8.84 25.54
N ASP B 68 -5.56 -8.77 25.42
CA ASP B 68 -6.44 -9.92 25.60
C ASP B 68 -6.89 -10.40 24.22
N ASP B 69 -6.56 -11.66 23.90
CA ASP B 69 -6.81 -12.19 22.57
C ASP B 69 -8.14 -12.93 22.47
N LEU B 70 -8.69 -13.40 23.59
CA LEU B 70 -9.95 -14.14 23.55
C LEU B 70 -11.17 -13.25 23.41
N VAL B 71 -11.02 -11.93 23.53
CA VAL B 71 -12.13 -10.99 23.42
C VAL B 71 -11.69 -9.81 22.56
N THR B 72 -12.68 -9.05 22.11
CA THR B 72 -12.44 -7.76 21.48
C THR B 72 -13.39 -6.75 22.11
N THR B 73 -12.87 -5.57 22.45
CA THR B 73 -13.65 -4.58 23.18
C THR B 73 -13.32 -3.19 22.67
N ILE B 74 -14.36 -2.41 22.40
CA ILE B 74 -14.20 -0.99 22.09
C ILE B 74 -15.12 -0.20 23.01
N THR B 75 -14.81 1.10 23.13
CA THR B 75 -15.60 2.01 23.95
C THR B 75 -15.86 3.28 23.14
N ILE B 76 -17.14 3.56 22.91
CA ILE B 76 -17.56 4.79 22.25
C ILE B 76 -17.82 5.84 23.34
N LYS B 77 -17.18 7.00 23.21
CA LYS B 77 -17.25 8.03 24.23
C LYS B 77 -18.17 9.16 23.80
N SER B 78 -18.88 9.72 24.77
CA SER B 78 -19.79 10.84 24.57
C SER B 78 -20.78 10.54 23.44
N LEU B 79 -21.67 9.60 23.74
CA LEU B 79 -22.63 9.13 22.75
C LEU B 79 -23.55 10.25 22.31
N THR B 80 -23.72 10.39 20.99
CA THR B 80 -24.61 11.37 20.39
C THR B 80 -25.72 10.63 19.64
N ALA B 81 -26.59 11.40 18.99
CA ALA B 81 -27.72 10.82 18.28
C ALA B 81 -27.27 10.03 17.06
N ARG B 82 -26.14 10.39 16.47
CA ARG B 82 -25.64 9.70 15.29
C ARG B 82 -24.85 8.44 15.62
N ASP B 83 -24.53 8.21 16.89
CA ASP B 83 -23.79 7.02 17.28
C ASP B 83 -24.67 5.78 17.30
N ALA B 84 -25.99 5.94 17.28
CA ALA B 84 -26.89 4.80 17.29
C ALA B 84 -26.81 4.04 15.96
N GLY B 85 -27.28 2.80 15.98
CA GLY B 85 -27.27 1.92 14.83
C GLY B 85 -26.67 0.59 15.17
N THR B 86 -26.44 -0.23 14.15
CA THR B 86 -25.93 -1.57 14.36
C THR B 86 -24.40 -1.57 14.29
N TYR B 87 -23.77 -2.20 15.29
CA TYR B 87 -22.33 -2.36 15.34
C TYR B 87 -21.98 -3.83 15.22
N VAL B 88 -20.94 -4.13 14.45
CA VAL B 88 -20.57 -5.49 14.11
C VAL B 88 -19.12 -5.71 14.52
N CYS B 89 -18.89 -6.79 15.27
CA CYS B 89 -17.56 -7.25 15.64
C CYS B 89 -17.25 -8.53 14.89
N ALA B 90 -15.99 -8.71 14.51
CA ALA B 90 -15.59 -9.85 13.69
C ALA B 90 -14.21 -10.33 14.09
N PHE B 91 -14.03 -11.65 14.06
CA PHE B 91 -12.76 -12.31 14.30
C PHE B 91 -12.30 -12.98 13.01
N PHE B 92 -11.13 -12.60 12.52
CA PHE B 92 -10.45 -13.31 11.44
C PHE B 92 -9.34 -14.14 12.07
N MET B 93 -9.41 -15.46 11.91
CA MET B 93 -8.47 -16.39 12.52
C MET B 93 -7.93 -17.35 11.46
N THR B 94 -6.72 -17.85 11.71
CA THR B 94 -6.09 -18.86 10.89
C THR B 94 -5.73 -20.07 11.74
N SER B 95 -5.40 -21.17 11.07
CA SER B 95 -5.05 -22.40 11.77
C SER B 95 -3.68 -22.30 12.41
N THR B 96 -3.54 -22.86 13.60
CA THR B 96 -2.28 -22.81 14.33
C THR B 96 -1.33 -23.95 13.95
N THR B 97 -1.87 -25.09 13.50
CA THR B 97 -1.06 -26.26 13.18
C THR B 97 -1.27 -26.74 11.76
N ASN B 98 -1.69 -25.84 10.86
CA ASN B 98 -1.98 -26.17 9.46
C ASN B 98 -3.07 -27.24 9.32
N ASP B 99 -3.85 -27.46 10.37
CA ASP B 99 -4.96 -28.42 10.28
C ASP B 99 -6.18 -27.72 9.70
N THR B 100 -6.76 -28.32 8.67
CA THR B 100 -7.87 -27.73 7.91
C THR B 100 -7.51 -26.31 7.49
N ASP B 101 -6.51 -26.23 6.60
CA ASP B 101 -5.98 -24.96 6.13
C ASP B 101 -7.06 -24.09 5.50
N LYS B 102 -7.51 -23.08 6.24
CA LYS B 102 -8.57 -22.17 5.82
C LYS B 102 -8.62 -21.02 6.82
N VAL B 103 -9.34 -19.98 6.46
CA VAL B 103 -9.56 -18.82 7.32
C VAL B 103 -10.90 -18.98 8.01
N ASP B 104 -10.90 -18.98 9.33
CA ASP B 104 -12.13 -19.03 10.10
C ASP B 104 -12.58 -17.61 10.44
N TYR B 105 -13.89 -17.40 10.40
CA TYR B 105 -14.47 -16.06 10.53
C TYR B 105 -15.65 -16.10 11.48
N GLU B 106 -15.64 -15.22 12.47
CA GLU B 106 -16.77 -15.06 13.37
C GLU B 106 -17.28 -13.63 13.28
N GLU B 107 -18.58 -13.46 13.45
CA GLU B 107 -19.21 -12.15 13.29
C GLU B 107 -20.44 -12.05 14.18
N TYR B 108 -20.53 -10.98 14.96
CA TYR B 108 -21.66 -10.73 15.83
C TYR B 108 -22.09 -9.28 15.70
N SER B 109 -23.38 -9.03 15.95
CA SER B 109 -23.95 -7.72 15.76
C SER B 109 -24.74 -7.32 17.00
N THR B 110 -24.83 -6.00 17.22
CA THR B 110 -25.59 -5.46 18.34
C THR B 110 -26.12 -4.08 17.96
N GLU B 111 -27.38 -3.82 18.29
CA GLU B 111 -28.03 -2.57 17.93
C GLU B 111 -27.93 -1.60 19.12
N LEU B 112 -27.17 -0.53 18.95
CA LEU B 112 -27.01 0.50 19.97
C LEU B 112 -28.06 1.58 19.77
N ILE B 113 -28.94 1.74 20.75
CA ILE B 113 -29.98 2.76 20.75
C ILE B 113 -29.59 3.82 21.77
N VAL B 114 -29.23 5.00 21.28
CA VAL B 114 -28.83 6.12 22.14
C VAL B 114 -30.00 7.09 22.19
N ASN B 115 -30.68 7.15 23.32
CA ASN B 115 -31.85 7.99 23.48
C ASN B 115 -31.63 9.03 24.57
N THR B 116 -32.53 10.01 24.60
CA THR B 116 -32.41 11.15 25.51
C THR B 116 -32.63 10.74 26.97
#